data_6O0A
#
_entry.id   6O0A
#
_cell.length_a   91.010
_cell.length_b   110.600
_cell.length_c   39.010
_cell.angle_alpha   90.000
_cell.angle_beta   90.000
_cell.angle_gamma   90.000
#
_symmetry.space_group_name_H-M   'P 21 21 2'
#
loop_
_entity.id
_entity.type
_entity.pdbx_description
1 polymer Flavohemoglobin
2 non-polymer 'FLAVIN-ADENINE DINUCLEOTIDE'
3 non-polymer 'PROTOPORPHYRIN IX CONTAINING FE'
4 non-polymer (4S)-2-METHYL-2,4-PENTANEDIOL
5 water water
#
_entity_poly.entity_id   1
_entity_poly.type   'polypeptide(L)'
_entity_poly.pdbx_seq_one_letter_code
;MGHHHHHHHHENLYFQGSGLSTKSQPVIQATLPVIAERIPHITPVFYGDMLQARPDLLDGMFSRSAQRDGTQARALAGSI
AIFAQWILQHPNTFPEEMLSRVANKHASLGLQPDEYDTVYKYLFGAIAKDLGDAATPDIVEAWTEVYWLLARALINLERK
LYAQQANNIVRAKFKLVKRTQVTKDVVDMVFEPADNTAMTPGKAGQYISIYARTSDGLLQPRQFTLLPSEETQRRIAIKL
DPHGEMTTIFQNQEVGALLDISNPYGDMTLETLETDPNSPLVLICAGIGVTPVLAFVEKLAAQKSEREVMIIASSRSLAE
APLRGELLERAKELKKAKVLYGTTQEKDGDFVGRIDVSTLDIPANASVFLCGPLKFMQEMRSHLVEAGIAKHKIFYEIFG
TDQWMLHDQNRSE
;
_entity_poly.pdbx_strand_id   A
#
# COMPACT_ATOMS: atom_id res chain seq x y z
N SER A 18 -2.08 -18.65 21.95
CA SER A 18 -3.18 -18.22 22.81
C SER A 18 -3.95 -17.05 22.18
N GLY A 19 -5.24 -17.27 21.90
CA GLY A 19 -6.08 -16.24 21.31
C GLY A 19 -6.62 -15.27 22.35
N LEU A 20 -7.81 -14.73 22.09
CA LEU A 20 -8.43 -13.81 23.03
C LEU A 20 -9.05 -14.59 24.19
N SER A 21 -8.66 -14.23 25.41
CA SER A 21 -9.07 -14.96 26.60
C SER A 21 -10.58 -14.86 26.83
N THR A 22 -11.13 -15.92 27.42
CA THR A 22 -12.53 -15.94 27.83
C THR A 22 -12.84 -14.75 28.74
N LYS A 23 -11.90 -14.38 29.60
CA LYS A 23 -12.12 -13.24 30.49
C LYS A 23 -12.33 -11.95 29.70
N SER A 24 -11.58 -11.76 28.62
CA SER A 24 -11.61 -10.49 27.93
C SER A 24 -12.76 -10.39 26.95
N GLN A 25 -13.21 -11.50 26.39
CA GLN A 25 -14.24 -11.50 25.35
C GLN A 25 -15.44 -10.61 25.69
N PRO A 26 -16.11 -10.81 26.83
CA PRO A 26 -17.30 -9.99 27.10
C PRO A 26 -16.99 -8.52 27.28
N VAL A 27 -15.80 -8.19 27.77
CA VAL A 27 -15.43 -6.78 27.92
C VAL A 27 -15.25 -6.13 26.56
N ILE A 28 -14.54 -6.81 25.65
CA ILE A 28 -14.36 -6.29 24.30
C ILE A 28 -15.71 -6.18 23.62
N GLN A 29 -16.54 -7.21 23.77
CA GLN A 29 -17.89 -7.20 23.19
C GLN A 29 -18.68 -5.98 23.65
N ALA A 30 -18.66 -5.70 24.97
CA ALA A 30 -19.48 -4.63 25.52
C ALA A 30 -18.93 -3.25 25.23
N THR A 31 -17.62 -3.09 25.11
CA THR A 31 -17.01 -1.78 24.95
C THR A 31 -16.60 -1.46 23.51
N LEU A 32 -16.74 -2.41 22.59
CA LEU A 32 -16.36 -2.15 21.21
CA LEU A 32 -16.36 -2.16 21.20
C LEU A 32 -17.04 -0.92 20.62
N PRO A 33 -18.35 -0.69 20.83
CA PRO A 33 -18.94 0.53 20.26
C PRO A 33 -18.35 1.81 20.82
N VAL A 34 -18.11 1.86 22.13
CA VAL A 34 -17.54 3.05 22.75
C VAL A 34 -16.14 3.32 22.21
N ILE A 35 -15.30 2.28 22.18
CA ILE A 35 -13.92 2.44 21.70
C ILE A 35 -13.92 2.90 20.24
N ALA A 36 -14.73 2.26 19.40
CA ALA A 36 -14.81 2.67 17.99
C ALA A 36 -15.27 4.12 17.86
N GLU A 37 -16.15 4.56 18.74
CA GLU A 37 -16.62 5.95 18.71
C GLU A 37 -15.52 6.92 19.11
N ARG A 38 -14.70 6.55 20.08
CA ARG A 38 -13.69 7.45 20.59
C ARG A 38 -12.38 7.43 19.80
N ILE A 39 -12.21 6.49 18.86
CA ILE A 39 -10.96 6.40 18.09
C ILE A 39 -10.58 7.72 17.41
N PRO A 40 -11.46 8.39 16.66
CA PRO A 40 -11.05 9.65 16.03
C PRO A 40 -10.59 10.70 17.01
N HIS A 41 -11.08 10.65 18.25
CA HIS A 41 -10.65 11.62 19.24
C HIS A 41 -9.35 11.17 19.91
N ILE A 42 -9.16 9.86 20.07
CA ILE A 42 -7.98 9.37 20.77
C ILE A 42 -6.73 9.48 19.89
N THR A 43 -6.87 9.22 18.59
CA THR A 43 -5.77 9.18 17.61
C THR A 43 -4.85 10.39 17.65
N PRO A 44 -5.36 11.62 17.49
CA PRO A 44 -4.44 12.76 17.44
C PRO A 44 -3.75 12.99 18.75
N VAL A 45 -4.38 12.59 19.86
CA VAL A 45 -3.73 12.74 21.15
C VAL A 45 -2.61 11.71 21.29
N PHE A 46 -2.89 10.46 20.91
CA PHE A 46 -1.86 9.43 20.89
C PHE A 46 -0.63 9.88 20.10
N TYR A 47 -0.83 10.32 18.86
CA TYR A 47 0.31 10.72 18.04
C TYR A 47 0.96 11.98 18.57
N GLY A 48 0.17 12.95 19.03
CA GLY A 48 0.76 14.15 19.62
C GLY A 48 1.69 13.84 20.77
N ASP A 49 1.23 12.98 21.68
CA ASP A 49 2.06 12.57 22.82
C ASP A 49 3.28 11.80 22.36
N MET A 50 3.08 10.81 21.49
CA MET A 50 4.21 9.97 21.07
C MET A 50 5.27 10.79 20.33
N LEU A 51 4.83 11.64 19.41
CA LEU A 51 5.80 12.38 18.59
C LEU A 51 6.45 13.54 19.35
N GLN A 52 5.86 13.97 20.46
CA GLN A 52 6.58 14.89 21.34
C GLN A 52 7.70 14.17 22.07
N ALA A 53 7.42 12.94 22.54
CA ALA A 53 8.42 12.19 23.30
C ALA A 53 9.47 11.56 22.39
N ARG A 54 9.10 11.25 21.15
CA ARG A 54 9.95 10.55 20.20
C ARG A 54 9.95 11.30 18.86
N PRO A 55 10.46 12.54 18.84
CA PRO A 55 10.51 13.29 17.58
C PRO A 55 11.30 12.59 16.50
N ASP A 56 12.22 11.70 16.87
CA ASP A 56 12.97 10.95 15.87
C ASP A 56 12.04 10.15 14.98
N LEU A 57 10.87 9.76 15.50
CA LEU A 57 9.94 8.96 14.68
C LEU A 57 9.27 9.78 13.59
N LEU A 58 9.25 11.11 13.71
CA LEU A 58 8.79 11.92 12.57
C LEU A 58 9.88 12.09 11.53
N ASP A 59 11.14 11.92 11.93
CA ASP A 59 12.29 12.10 11.05
C ASP A 59 12.70 10.75 10.48
N GLY A 60 11.81 10.19 9.66
CA GLY A 60 12.13 8.98 8.93
C GLY A 60 11.10 7.87 8.98
N MET A 61 10.09 7.96 9.85
CA MET A 61 9.11 6.89 10.00
C MET A 61 7.71 7.40 9.69
N PHE A 62 7.10 8.20 10.55
CA PHE A 62 5.72 8.66 10.32
C PHE A 62 5.64 9.83 9.34
N SER A 63 4.58 9.83 8.54
CA SER A 63 4.36 10.89 7.57
C SER A 63 3.71 12.08 8.23
N ARG A 64 4.32 13.24 8.09
CA ARG A 64 3.71 14.46 8.62
C ARG A 64 2.37 14.74 7.93
N SER A 65 2.30 14.51 6.62
CA SER A 65 1.04 14.77 5.94
C SER A 65 -0.07 13.88 6.48
N ALA A 66 0.24 12.63 6.82
CA ALA A 66 -0.80 11.75 7.37
C ALA A 66 -1.25 12.23 8.73
N GLN A 67 -0.37 12.92 9.48
CA GLN A 67 -0.78 13.52 10.75
C GLN A 67 -1.66 14.74 10.52
N ARG A 68 -1.28 15.60 9.57
CA ARG A 68 -2.04 16.81 9.30
C ARG A 68 -3.41 16.48 8.70
N ASP A 69 -3.49 15.50 7.78
CA ASP A 69 -4.76 15.06 7.20
CA ASP A 69 -4.82 15.23 7.26
C ASP A 69 -5.67 14.44 8.25
N GLY A 70 -5.08 13.82 9.26
CA GLY A 70 -5.82 13.27 10.37
C GLY A 70 -6.56 11.98 10.10
N THR A 71 -7.44 11.98 9.10
CA THR A 71 -8.18 10.76 8.80
C THR A 71 -7.22 9.61 8.52
N GLN A 72 -6.16 9.88 7.75
CA GLN A 72 -5.21 8.82 7.39
C GLN A 72 -4.63 8.17 8.65
N ALA A 73 -4.13 9.00 9.56
CA ALA A 73 -3.47 8.49 10.77
C ALA A 73 -4.40 7.65 11.65
N ARG A 74 -5.73 7.73 11.48
CA ARG A 74 -6.63 6.91 12.27
C ARG A 74 -6.48 5.42 11.99
N ALA A 75 -5.81 5.05 10.89
CA ALA A 75 -5.81 3.66 10.45
C ALA A 75 -5.21 2.74 11.51
N LEU A 76 -4.17 3.20 12.23
CA LEU A 76 -3.49 2.34 13.18
C LEU A 76 -4.43 1.89 14.29
N ALA A 77 -5.04 2.85 14.99
CA ALA A 77 -5.99 2.48 16.04
C ALA A 77 -7.24 1.84 15.44
N GLY A 78 -7.67 2.31 14.26
CA GLY A 78 -8.88 1.76 13.65
C GLY A 78 -8.74 0.30 13.31
N SER A 79 -7.57 -0.10 12.80
CA SER A 79 -7.30 -1.51 12.55
C SER A 79 -7.37 -2.33 13.83
N ILE A 80 -7.05 -1.72 14.98
CA ILE A 80 -7.17 -2.44 16.24
C ILE A 80 -8.64 -2.74 16.53
N ALA A 81 -9.54 -1.81 16.19
CA ALA A 81 -10.96 -2.06 16.37
C ALA A 81 -11.48 -3.12 15.40
N ILE A 82 -11.05 -3.04 14.13
CA ILE A 82 -11.41 -4.08 13.16
CA ILE A 82 -11.42 -4.08 13.16
C ILE A 82 -10.94 -5.44 13.66
N PHE A 83 -9.71 -5.49 14.18
CA PHE A 83 -9.14 -6.75 14.66
C PHE A 83 -9.94 -7.30 15.83
N ALA A 84 -10.30 -6.43 16.78
CA ALA A 84 -11.11 -6.86 17.92
C ALA A 84 -12.41 -7.49 17.46
N GLN A 85 -13.10 -6.84 16.51
CA GLN A 85 -14.34 -7.42 16.02
C GLN A 85 -14.08 -8.77 15.35
N TRP A 86 -12.95 -8.88 14.64
CA TRP A 86 -12.64 -10.13 13.94
C TRP A 86 -12.44 -11.28 14.92
N ILE A 87 -11.59 -11.09 15.93
CA ILE A 87 -11.27 -12.21 16.80
C ILE A 87 -12.44 -12.57 17.71
N LEU A 88 -13.44 -11.69 17.81
CA LEU A 88 -14.67 -12.05 18.50
C LEU A 88 -15.55 -12.94 17.63
N GLN A 89 -15.60 -12.68 16.33
CA GLN A 89 -16.44 -13.49 15.44
C GLN A 89 -15.75 -14.76 15.00
N HIS A 90 -14.42 -14.77 14.91
CA HIS A 90 -13.66 -15.90 14.38
C HIS A 90 -12.51 -16.21 15.32
N PRO A 91 -12.78 -16.93 16.42
CA PRO A 91 -11.76 -17.10 17.47
C PRO A 91 -10.55 -17.90 16.99
N ASN A 92 -9.41 -17.59 17.62
CA ASN A 92 -8.11 -18.19 17.32
C ASN A 92 -7.70 -18.05 15.86
N THR A 93 -8.31 -17.11 15.14
CA THR A 93 -7.93 -16.79 13.77
C THR A 93 -7.70 -15.29 13.65
N PHE A 94 -7.05 -14.90 12.56
CA PHE A 94 -6.66 -13.52 12.30
C PHE A 94 -7.19 -13.06 10.96
N PRO A 95 -7.41 -11.75 10.81
CA PRO A 95 -7.67 -11.20 9.46
C PRO A 95 -6.38 -11.13 8.66
N GLU A 96 -6.03 -12.22 7.98
CA GLU A 96 -4.69 -12.38 7.44
C GLU A 96 -4.40 -11.33 6.38
N GLU A 97 -5.39 -10.98 5.56
CA GLU A 97 -5.18 -9.98 4.52
C GLU A 97 -4.75 -8.64 5.11
N MET A 98 -5.43 -8.20 6.17
CA MET A 98 -5.05 -6.94 6.81
C MET A 98 -3.66 -7.04 7.42
N LEU A 99 -3.39 -8.16 8.11
CA LEU A 99 -2.09 -8.32 8.77
C LEU A 99 -0.96 -8.31 7.74
N SER A 100 -1.17 -8.98 6.61
CA SER A 100 -0.11 -9.07 5.61
C SER A 100 0.18 -7.70 5.01
N ARG A 101 -0.88 -6.94 4.69
CA ARG A 101 -0.68 -5.61 4.13
C ARG A 101 0.07 -4.71 5.10
N VAL A 102 -0.33 -4.74 6.38
CA VAL A 102 0.33 -3.89 7.38
C VAL A 102 1.77 -4.32 7.60
N ALA A 103 2.01 -5.63 7.71
CA ALA A 103 3.36 -6.11 7.95
C ALA A 103 4.31 -5.69 6.82
N ASN A 104 3.85 -5.78 5.58
CA ASN A 104 4.71 -5.39 4.46
C ASN A 104 5.02 -3.90 4.49
N LYS A 105 4.03 -3.07 4.81
CA LYS A 105 4.28 -1.63 4.96
C LYS A 105 5.28 -1.37 6.08
N HIS A 106 5.07 -2.00 7.23
CA HIS A 106 6.00 -1.85 8.36
C HIS A 106 7.41 -2.24 7.98
N ALA A 107 7.56 -3.36 7.28
CA ALA A 107 8.89 -3.81 6.88
C ALA A 107 9.53 -2.82 5.92
N SER A 108 8.74 -2.30 4.96
CA SER A 108 9.22 -1.24 4.07
C SER A 108 9.81 -0.08 4.85
N LEU A 109 9.13 0.31 5.94
CA LEU A 109 9.55 1.41 6.80
C LEU A 109 10.58 0.99 7.85
N GLY A 110 10.94 -0.28 7.90
CA GLY A 110 12.00 -0.74 8.79
C GLY A 110 11.59 -0.85 10.24
N LEU A 111 10.30 -1.02 10.51
CA LEU A 111 9.81 -1.03 11.89
C LEU A 111 10.42 -2.16 12.70
N GLN A 112 10.94 -1.81 13.88
CA GLN A 112 11.57 -2.81 14.74
C GLN A 112 10.67 -3.17 15.91
N PRO A 113 10.75 -4.41 16.39
CA PRO A 113 9.73 -4.90 17.34
C PRO A 113 9.64 -4.10 18.63
N ASP A 114 10.73 -3.52 19.11
CA ASP A 114 10.68 -2.75 20.35
CA ASP A 114 10.64 -2.79 20.37
C ASP A 114 9.73 -1.57 20.29
N GLU A 115 9.47 -1.05 19.08
CA GLU A 115 8.62 0.13 19.01
C GLU A 115 7.14 -0.18 19.27
N TYR A 116 6.75 -1.45 19.28
CA TYR A 116 5.37 -1.75 19.65
C TYR A 116 5.13 -1.39 21.11
N ASP A 117 6.17 -1.42 21.95
CA ASP A 117 6.06 -0.95 23.32
C ASP A 117 5.81 0.55 23.36
N THR A 118 6.47 1.29 22.47
CA THR A 118 6.27 2.74 22.38
C THR A 118 4.83 3.08 22.03
N VAL A 119 4.30 2.44 20.98
CA VAL A 119 2.93 2.72 20.58
C VAL A 119 1.97 2.31 21.68
N TYR A 120 2.22 1.19 22.35
CA TYR A 120 1.34 0.79 23.46
C TYR A 120 1.28 1.90 24.51
N LYS A 121 2.45 2.41 24.91
CA LYS A 121 2.50 3.41 25.97
C LYS A 121 1.67 4.64 25.62
N TYR A 122 1.92 5.23 24.46
CA TYR A 122 1.24 6.48 24.12
C TYR A 122 -0.20 6.25 23.69
N LEU A 123 -0.49 5.14 23.03
CA LEU A 123 -1.88 4.87 22.67
C LEU A 123 -2.73 4.69 23.91
N PHE A 124 -2.26 3.88 24.86
CA PHE A 124 -3.10 3.61 26.02
C PHE A 124 -3.09 4.78 26.99
N GLY A 125 -2.04 5.61 26.98
CA GLY A 125 -2.11 6.87 27.69
C GLY A 125 -3.20 7.78 27.15
N ALA A 126 -3.35 7.80 25.83
CA ALA A 126 -4.39 8.64 25.21
C ALA A 126 -5.79 8.08 25.49
N ILE A 127 -5.91 6.75 25.49
CA ILE A 127 -7.17 6.12 25.92
C ILE A 127 -7.52 6.55 27.34
N ALA A 128 -6.53 6.53 28.24
CA ALA A 128 -6.76 6.94 29.62
C ALA A 128 -7.17 8.40 29.71
N LYS A 129 -6.51 9.28 28.95
CA LYS A 129 -6.86 10.70 28.96
CA LYS A 129 -6.87 10.69 29.00
C LYS A 129 -8.27 10.92 28.43
N ASP A 130 -8.65 10.18 27.39
CA ASP A 130 -9.97 10.36 26.81
C ASP A 130 -11.07 9.83 27.71
N LEU A 131 -10.94 8.58 28.18
CA LEU A 131 -11.99 7.96 28.95
C LEU A 131 -12.00 8.38 30.42
N GLY A 132 -10.88 8.85 30.95
CA GLY A 132 -10.87 9.29 32.34
C GLY A 132 -11.18 8.14 33.28
N ASP A 133 -12.06 8.40 34.25
CA ASP A 133 -12.40 7.35 35.21
C ASP A 133 -13.15 6.18 34.58
N ALA A 134 -13.62 6.33 33.34
CA ALA A 134 -14.21 5.23 32.60
C ALA A 134 -13.19 4.22 32.11
N ALA A 135 -11.89 4.56 32.16
CA ALA A 135 -10.84 3.63 31.75
C ALA A 135 -10.46 2.74 32.93
N THR A 136 -11.41 1.91 33.32
CA THR A 136 -11.23 1.07 34.49
C THR A 136 -10.30 -0.11 34.17
N PRO A 137 -9.78 -0.78 35.20
CA PRO A 137 -8.84 -1.89 34.95
C PRO A 137 -9.39 -2.96 34.02
N ASP A 138 -10.66 -3.34 34.16
CA ASP A 138 -11.20 -4.38 33.29
C ASP A 138 -11.11 -3.99 31.82
N ILE A 139 -11.43 -2.74 31.50
CA ILE A 139 -11.40 -2.29 30.11
C ILE A 139 -9.96 -2.20 29.60
N VAL A 140 -9.07 -1.62 30.40
CA VAL A 140 -7.69 -1.49 29.98
C VAL A 140 -7.05 -2.87 29.82
N GLU A 141 -7.36 -3.79 30.74
CA GLU A 141 -6.79 -5.14 30.65
C GLU A 141 -7.23 -5.85 29.37
N ALA A 142 -8.52 -5.78 29.05
CA ALA A 142 -9.03 -6.50 27.88
C ALA A 142 -8.47 -5.91 26.58
N TRP A 143 -8.43 -4.58 26.48
CA TRP A 143 -7.92 -3.98 25.25
C TRP A 143 -6.40 -4.13 25.15
N THR A 144 -5.69 -4.17 26.28
CA THR A 144 -4.28 -4.49 26.25
C THR A 144 -4.04 -5.89 25.66
N GLU A 145 -4.87 -6.87 26.05
CA GLU A 145 -4.74 -8.20 25.47
C GLU A 145 -4.93 -8.15 23.95
N VAL A 146 -5.96 -7.44 23.49
CA VAL A 146 -6.20 -7.27 22.06
C VAL A 146 -4.98 -6.65 21.38
N TYR A 147 -4.44 -5.58 21.97
CA TYR A 147 -3.27 -4.93 21.38
C TYR A 147 -2.12 -5.91 21.22
N TRP A 148 -1.80 -6.67 22.27
CA TRP A 148 -0.60 -7.49 22.20
C TRP A 148 -0.79 -8.73 21.32
N LEU A 149 -2.01 -9.24 21.20
CA LEU A 149 -2.27 -10.30 20.23
C LEU A 149 -1.93 -9.82 18.83
N LEU A 150 -2.36 -8.61 18.50
CA LEU A 150 -2.11 -8.04 17.17
C LEU A 150 -0.64 -7.70 16.99
N ALA A 151 -0.04 -7.05 17.99
CA ALA A 151 1.38 -6.71 17.90
C ALA A 151 2.23 -7.96 17.70
N ARG A 152 1.95 -9.02 18.45
CA ARG A 152 2.76 -10.23 18.33
C ARG A 152 2.61 -10.84 16.93
N ALA A 153 1.39 -10.85 16.39
CA ALA A 153 1.16 -11.38 15.05
C ALA A 153 1.94 -10.58 14.01
N LEU A 154 1.89 -9.25 14.09
CA LEU A 154 2.61 -8.40 13.14
C LEU A 154 4.12 -8.57 13.28
N ILE A 155 4.62 -8.60 14.52
CA ILE A 155 6.06 -8.80 14.75
C ILE A 155 6.54 -10.10 14.12
N ASN A 156 5.76 -11.18 14.28
CA ASN A 156 6.12 -12.46 13.68
C ASN A 156 6.16 -12.39 12.17
N LEU A 157 5.17 -11.74 11.56
CA LEU A 157 5.16 -11.59 10.11
C LEU A 157 6.33 -10.74 9.64
N GLU A 158 6.63 -9.66 10.36
CA GLU A 158 7.70 -8.75 9.95
C GLU A 158 9.06 -9.43 10.08
N ARG A 159 9.24 -10.23 11.13
CA ARG A 159 10.48 -10.98 11.29
C ARG A 159 10.72 -11.90 10.09
N LYS A 160 9.67 -12.58 9.62
CA LYS A 160 9.82 -13.45 8.46
C LYS A 160 10.15 -12.66 7.20
N LEU A 161 9.57 -11.47 7.05
CA LEU A 161 9.86 -10.64 5.89
C LEU A 161 11.32 -10.20 5.89
N TYR A 162 11.81 -9.75 7.06
CA TYR A 162 13.20 -9.33 7.15
C TYR A 162 14.15 -10.48 6.84
N ALA A 163 13.78 -11.71 7.21
CA ALA A 163 14.65 -12.86 6.97
C ALA A 163 14.78 -13.17 5.49
N GLN A 164 13.88 -12.67 4.64
CA GLN A 164 13.96 -12.94 3.21
C GLN A 164 14.93 -12.00 2.48
N GLN A 165 15.46 -10.99 3.15
CA GLN A 165 16.21 -9.96 2.45
C GLN A 165 17.65 -10.40 2.18
N ALA A 166 18.25 -9.78 1.17
CA ALA A 166 19.63 -10.00 0.77
C ALA A 166 20.61 -9.17 1.57
N ASN A 167 20.13 -8.38 2.54
CA ASN A 167 20.97 -7.48 3.31
C ASN A 167 20.39 -7.40 4.71
N ASN A 168 21.10 -6.69 5.60
CA ASN A 168 20.70 -6.58 6.99
C ASN A 168 20.37 -5.13 7.36
N ILE A 169 19.94 -4.32 6.39
CA ILE A 169 19.61 -2.93 6.64
C ILE A 169 18.12 -2.75 6.36
N VAL A 170 17.60 -1.55 6.66
CA VAL A 170 16.23 -1.22 6.31
C VAL A 170 16.14 -0.24 5.15
N ARG A 171 17.20 0.53 4.88
CA ARG A 171 17.27 1.33 3.67
CA ARG A 171 17.27 1.33 3.67
C ARG A 171 18.74 1.57 3.33
N ALA A 172 18.99 1.84 2.06
CA ALA A 172 20.36 1.99 1.56
C ALA A 172 20.39 3.12 0.54
N LYS A 173 21.60 3.65 0.31
CA LYS A 173 21.75 4.84 -0.53
C LYS A 173 21.72 4.46 -2.01
N PHE A 174 20.92 5.21 -2.79
CA PHE A 174 20.85 5.05 -4.23
C PHE A 174 21.12 6.38 -4.92
N LYS A 175 21.61 6.30 -6.15
CA LYS A 175 21.85 7.47 -6.98
C LYS A 175 20.84 7.51 -8.11
N LEU A 176 20.32 8.70 -8.39
CA LEU A 176 19.41 8.88 -9.51
C LEU A 176 20.23 8.92 -10.80
N VAL A 177 20.05 7.94 -11.68
CA VAL A 177 20.85 7.85 -12.90
C VAL A 177 20.07 8.24 -14.15
N LYS A 178 18.74 8.22 -14.12
CA LYS A 178 17.95 8.61 -15.29
C LYS A 178 16.63 9.18 -14.82
N ARG A 179 16.23 10.29 -15.45
CA ARG A 179 15.01 11.00 -15.08
C ARG A 179 14.33 11.47 -16.36
N THR A 180 13.08 11.03 -16.58
CA THR A 180 12.36 11.34 -17.81
C THR A 180 10.97 11.85 -17.46
N GLN A 181 10.64 13.06 -17.91
CA GLN A 181 9.28 13.59 -17.83
C GLN A 181 8.45 12.90 -18.91
N VAL A 182 7.52 12.01 -18.51
CA VAL A 182 6.81 11.19 -19.48
C VAL A 182 5.38 11.66 -19.76
N THR A 183 4.76 12.38 -18.83
CA THR A 183 3.53 13.12 -19.08
C THR A 183 3.68 14.50 -18.44
N LYS A 184 2.62 15.32 -18.52
CA LYS A 184 2.67 16.64 -17.92
C LYS A 184 2.96 16.60 -16.43
N ASP A 185 2.65 15.48 -15.75
CA ASP A 185 2.89 15.44 -14.32
C ASP A 185 3.51 14.14 -13.81
N VAL A 186 4.04 13.28 -14.66
CA VAL A 186 4.66 12.03 -14.22
C VAL A 186 6.13 12.01 -14.63
N VAL A 187 7.01 11.67 -13.70
CA VAL A 187 8.44 11.56 -13.93
C VAL A 187 8.87 10.12 -13.67
N ASP A 188 9.48 9.51 -14.68
CA ASP A 188 9.97 8.13 -14.66
C ASP A 188 11.44 8.15 -14.24
N MET A 189 11.75 7.55 -13.09
CA MET A 189 13.05 7.71 -12.43
C MET A 189 13.73 6.36 -12.26
N VAL A 190 15.01 6.29 -12.62
CA VAL A 190 15.80 5.07 -12.46
C VAL A 190 16.94 5.33 -11.48
N PHE A 191 17.04 4.48 -10.44
CA PHE A 191 18.06 4.58 -9.41
C PHE A 191 18.98 3.37 -9.42
N GLU A 192 20.25 3.57 -9.04
CA GLU A 192 21.18 2.49 -8.86
C GLU A 192 21.88 2.63 -7.52
N PRO A 193 22.36 1.53 -6.94
CA PRO A 193 23.00 1.63 -5.62
C PRO A 193 24.17 2.60 -5.62
N ALA A 194 24.27 3.37 -4.55
CA ALA A 194 25.38 4.27 -4.30
C ALA A 194 26.18 3.83 -3.08
N ASP A 195 25.88 2.66 -2.52
CA ASP A 195 26.77 2.03 -1.56
C ASP A 195 26.84 0.55 -1.93
N ASN A 196 27.43 -0.26 -1.07
CA ASN A 196 27.70 -1.65 -1.43
C ASN A 196 26.66 -2.62 -0.90
N THR A 197 25.50 -2.13 -0.45
CA THR A 197 24.45 -3.00 0.06
C THR A 197 23.85 -3.85 -1.05
N ALA A 198 23.79 -5.16 -0.83
CA ALA A 198 23.19 -6.05 -1.84
C ALA A 198 21.69 -5.81 -1.94
N MET A 199 21.17 -5.86 -3.17
CA MET A 199 19.75 -5.65 -3.43
C MET A 199 18.98 -6.95 -3.31
N THR A 200 17.85 -6.89 -2.60
CA THR A 200 16.89 -7.99 -2.62
C THR A 200 16.15 -7.97 -3.95
N PRO A 201 16.02 -9.10 -4.64
CA PRO A 201 15.23 -9.12 -5.88
C PRO A 201 13.77 -8.80 -5.60
N GLY A 202 13.22 -7.88 -6.38
CA GLY A 202 11.82 -7.55 -6.26
C GLY A 202 10.94 -8.51 -7.02
N LYS A 203 9.70 -8.63 -6.56
CA LYS A 203 8.66 -9.38 -7.24
C LYS A 203 7.69 -8.42 -7.90
N ALA A 204 7.18 -8.80 -9.07
CA ALA A 204 6.28 -7.89 -9.79
C ALA A 204 5.07 -7.55 -8.94
N GLY A 205 4.79 -6.24 -8.82
CA GLY A 205 3.76 -5.71 -7.95
C GLY A 205 4.30 -5.13 -6.66
N GLN A 206 5.55 -5.43 -6.31
CA GLN A 206 6.04 -4.89 -5.04
C GLN A 206 6.44 -3.43 -5.20
N TYR A 207 6.61 -2.78 -4.05
CA TYR A 207 6.93 -1.37 -3.96
C TYR A 207 8.16 -1.19 -3.08
N ILE A 208 8.74 0.00 -3.15
CA ILE A 208 9.78 0.41 -2.22
C ILE A 208 9.32 1.69 -1.54
N SER A 209 9.90 1.96 -0.38
CA SER A 209 9.81 3.28 0.22
C SER A 209 11.09 4.05 -0.13
N ILE A 210 10.93 5.25 -0.67
CA ILE A 210 12.04 6.14 -0.96
CA ILE A 210 12.03 6.14 -0.97
C ILE A 210 11.94 7.34 -0.04
N TYR A 211 13.12 7.83 0.38
CA TYR A 211 13.25 8.82 1.45
C TYR A 211 13.89 10.09 0.92
N ALA A 212 13.31 11.24 1.27
CA ALA A 212 13.97 12.51 1.06
C ALA A 212 13.56 13.46 2.18
N ARG A 213 14.27 14.57 2.29
CA ARG A 213 13.95 15.52 3.35
C ARG A 213 12.97 16.57 2.85
N THR A 214 12.05 16.96 3.74
CA THR A 214 11.18 18.09 3.51
C THR A 214 12.02 19.37 3.42
N SER A 215 11.38 20.45 2.94
CA SER A 215 12.09 21.72 2.86
C SER A 215 12.67 22.15 4.20
N ASP A 216 12.03 21.79 5.30
CA ASP A 216 12.52 22.15 6.62
C ASP A 216 13.32 21.04 7.29
N GLY A 217 13.66 19.98 6.57
CA GLY A 217 14.71 19.08 7.01
C GLY A 217 14.29 17.75 7.64
N LEU A 218 13.00 17.39 7.57
CA LEU A 218 12.52 16.12 8.11
C LEU A 218 12.59 15.03 7.04
N LEU A 219 13.21 13.88 7.38
CA LEU A 219 13.24 12.75 6.47
C LEU A 219 11.86 12.12 6.39
N GLN A 220 11.38 11.89 5.17
CA GLN A 220 10.02 11.38 4.98
C GLN A 220 10.00 10.31 3.91
N PRO A 221 9.35 9.18 4.16
CA PRO A 221 9.20 8.13 3.15
C PRO A 221 7.89 8.21 2.37
N ARG A 222 7.91 7.80 1.10
CA ARG A 222 6.69 7.49 0.35
C ARG A 222 6.94 6.21 -0.42
N GLN A 223 5.86 5.47 -0.71
CA GLN A 223 5.95 4.20 -1.44
C GLN A 223 5.68 4.38 -2.93
N PHE A 224 6.44 3.68 -3.75
CA PHE A 224 6.19 3.63 -5.19
C PHE A 224 6.39 2.23 -5.72
N THR A 225 5.53 1.82 -6.65
CA THR A 225 5.60 0.50 -7.26
C THR A 225 6.82 0.37 -8.17
N LEU A 226 7.53 -0.75 -8.03
CA LEU A 226 8.68 -1.02 -8.88
C LEU A 226 8.27 -1.30 -10.31
N LEU A 227 9.03 -0.74 -11.25
CA LEU A 227 8.80 -0.89 -12.68
C LEU A 227 9.91 -1.69 -13.36
N PRO A 228 9.65 -2.23 -14.55
CA PRO A 228 10.66 -3.04 -15.24
C PRO A 228 11.99 -2.31 -15.41
N SER A 229 13.07 -2.99 -15.04
CA SER A 229 14.40 -2.40 -15.08
C SER A 229 15.43 -3.52 -15.02
N GLU A 230 16.70 -3.16 -15.10
CA GLU A 230 17.76 -4.11 -14.83
C GLU A 230 17.68 -4.53 -13.36
N GLU A 231 18.28 -5.69 -13.06
CA GLU A 231 18.25 -6.17 -11.69
C GLU A 231 19.13 -5.32 -10.77
N THR A 232 20.02 -4.53 -11.36
CA THR A 232 20.87 -3.59 -10.63
C THR A 232 20.21 -2.24 -10.41
N GLN A 233 18.91 -2.11 -10.71
CA GLN A 233 18.22 -0.83 -10.68
C GLN A 233 16.91 -0.92 -9.90
N ARG A 234 16.48 0.24 -9.36
CA ARG A 234 15.11 0.44 -8.89
C ARG A 234 14.51 1.54 -9.73
N ARG A 235 13.39 1.25 -10.39
CA ARG A 235 12.72 2.20 -11.27
C ARG A 235 11.31 2.44 -10.77
N ILE A 236 10.91 3.71 -10.72
CA ILE A 236 9.58 4.13 -10.26
C ILE A 236 9.10 5.28 -11.12
N ALA A 237 7.79 5.44 -11.22
CA ALA A 237 7.18 6.56 -11.93
C ALA A 237 6.30 7.32 -10.94
N ILE A 238 6.63 8.59 -10.71
CA ILE A 238 6.01 9.39 -9.67
C ILE A 238 5.09 10.42 -10.32
N LYS A 239 3.82 10.39 -9.95
CA LYS A 239 2.87 11.42 -10.36
C LYS A 239 2.86 12.54 -9.34
N LEU A 240 2.90 13.78 -9.82
CA LEU A 240 2.88 14.93 -8.92
C LEU A 240 1.54 15.03 -8.23
N ASP A 241 1.56 15.11 -6.89
CA ASP A 241 0.39 15.48 -6.13
C ASP A 241 0.54 16.95 -5.77
N PRO A 242 -0.21 17.86 -6.38
CA PRO A 242 -0.03 19.29 -6.12
C PRO A 242 -0.31 19.68 -4.68
N HIS A 243 -1.03 18.84 -3.94
CA HIS A 243 -1.33 19.11 -2.54
C HIS A 243 -0.55 18.21 -1.59
N GLY A 244 0.43 17.47 -2.10
CA GLY A 244 1.26 16.63 -1.27
C GLY A 244 2.58 17.31 -0.94
N GLU A 245 3.27 16.74 0.03
CA GLU A 245 4.53 17.37 0.42
C GLU A 245 5.73 16.84 -0.35
N MET A 246 5.78 15.53 -0.63
CA MET A 246 7.04 14.93 -1.08
C MET A 246 7.15 14.74 -2.59
N THR A 247 6.05 14.64 -3.34
CA THR A 247 6.25 14.36 -4.76
C THR A 247 6.94 15.52 -5.48
N THR A 248 6.66 16.77 -5.09
CA THR A 248 7.42 17.87 -5.67
CA THR A 248 7.41 17.90 -5.63
C THR A 248 8.91 17.73 -5.37
N ILE A 249 9.25 17.27 -4.16
CA ILE A 249 10.65 17.12 -3.78
C ILE A 249 11.31 15.99 -4.57
N PHE A 250 10.63 14.84 -4.70
CA PHE A 250 11.19 13.74 -5.48
C PHE A 250 11.35 14.14 -6.95
N GLN A 251 10.37 14.84 -7.53
CA GLN A 251 10.46 15.18 -8.95
C GLN A 251 11.49 16.25 -9.23
N ASN A 252 11.93 16.99 -8.22
CA ASN A 252 12.91 18.02 -8.48
C ASN A 252 14.34 17.58 -8.17
N GLN A 253 14.55 16.29 -7.92
CA GLN A 253 15.90 15.77 -7.76
C GLN A 253 16.62 15.75 -9.10
N GLU A 254 17.88 16.16 -9.08
CA GLU A 254 18.66 16.14 -10.31
C GLU A 254 19.36 14.79 -10.47
N VAL A 255 19.65 14.43 -11.72
CA VAL A 255 20.47 13.24 -11.95
C VAL A 255 21.75 13.35 -11.14
N GLY A 256 22.09 12.27 -10.44
CA GLY A 256 23.21 12.27 -9.51
C GLY A 256 22.83 12.42 -8.06
N ALA A 257 21.60 12.87 -7.78
CA ALA A 257 21.14 13.01 -6.40
C ALA A 257 21.14 11.65 -5.69
N LEU A 258 21.44 11.69 -4.40
CA LEU A 258 21.47 10.51 -3.55
C LEU A 258 20.24 10.50 -2.65
N LEU A 259 19.50 9.41 -2.68
CA LEU A 259 18.33 9.20 -1.81
C LEU A 259 18.41 7.79 -1.25
N ASP A 260 17.82 7.59 -0.08
CA ASP A 260 17.75 6.26 0.52
C ASP A 260 16.50 5.53 0.00
N ILE A 261 16.66 4.22 -0.27
CA ILE A 261 15.55 3.39 -0.72
C ILE A 261 15.49 2.14 0.14
N SER A 262 14.28 1.77 0.54
CA SER A 262 14.06 0.61 1.39
C SER A 262 14.24 -0.69 0.58
N ASN A 263 14.11 -1.80 1.30
CA ASN A 263 13.99 -3.08 0.64
C ASN A 263 12.59 -3.22 0.05
N PRO A 264 12.42 -4.08 -0.94
CA PRO A 264 11.12 -4.18 -1.62
C PRO A 264 10.15 -5.09 -0.87
N TYR A 265 8.88 -4.69 -0.86
CA TYR A 265 7.85 -5.41 -0.11
C TYR A 265 6.51 -5.27 -0.84
N GLY A 266 5.52 -5.98 -0.33
CA GLY A 266 4.17 -5.85 -0.82
C GLY A 266 3.62 -7.23 -1.12
N ASP A 267 2.35 -7.47 -0.82
CA ASP A 267 1.77 -8.78 -0.99
C ASP A 267 0.85 -8.85 -2.20
N MET A 268 0.76 -7.77 -2.97
CA MET A 268 -0.10 -7.73 -4.15
C MET A 268 0.75 -8.03 -5.37
N THR A 269 1.11 -9.30 -5.52
CA THR A 269 2.03 -9.74 -6.55
C THR A 269 1.32 -10.59 -7.59
N LEU A 270 2.04 -10.87 -8.67
CA LEU A 270 1.48 -11.69 -9.74
C LEU A 270 1.06 -13.05 -9.22
N GLU A 271 1.83 -13.62 -8.29
CA GLU A 271 1.47 -14.91 -7.70
C GLU A 271 0.12 -14.82 -6.98
N THR A 272 -0.15 -13.69 -6.31
CA THR A 272 -1.41 -13.51 -5.60
C THR A 272 -2.60 -13.55 -6.56
N LEU A 273 -2.45 -13.05 -7.78
CA LEU A 273 -3.52 -13.03 -8.76
C LEU A 273 -3.73 -14.37 -9.46
N GLU A 274 -2.80 -15.30 -9.34
CA GLU A 274 -2.88 -16.56 -10.08
C GLU A 274 -3.36 -17.65 -9.13
N THR A 275 -4.68 -17.88 -9.15
CA THR A 275 -5.27 -18.88 -8.26
C THR A 275 -5.05 -20.29 -8.79
N ASP A 276 -5.12 -20.48 -10.10
CA ASP A 276 -4.86 -21.76 -10.73
C ASP A 276 -4.01 -21.53 -11.96
N PRO A 277 -3.37 -22.58 -12.50
CA PRO A 277 -2.37 -22.36 -13.55
C PRO A 277 -2.87 -21.68 -14.81
N ASN A 278 -4.17 -21.74 -15.12
CA ASN A 278 -4.66 -21.22 -16.40
C ASN A 278 -5.74 -20.15 -16.26
N SER A 279 -5.97 -19.62 -15.06
CA SER A 279 -7.05 -18.67 -14.87
C SER A 279 -6.76 -17.37 -15.62
N PRO A 280 -7.77 -16.77 -16.27
CA PRO A 280 -7.55 -15.50 -16.96
C PRO A 280 -7.38 -14.36 -15.97
N LEU A 281 -6.71 -13.30 -16.43
CA LEU A 281 -6.44 -12.12 -15.62
C LEU A 281 -7.08 -10.89 -16.26
N VAL A 282 -7.73 -10.07 -15.44
CA VAL A 282 -8.28 -8.80 -15.90
C VAL A 282 -7.63 -7.73 -15.04
N LEU A 283 -6.92 -6.80 -15.68
CA LEU A 283 -6.18 -5.77 -14.98
C LEU A 283 -6.83 -4.42 -15.32
N ILE A 284 -7.33 -3.73 -14.31
CA ILE A 284 -8.09 -2.50 -14.50
C ILE A 284 -7.42 -1.39 -13.71
N CYS A 285 -7.06 -0.29 -14.38
CA CYS A 285 -6.32 0.76 -13.70
C CYS A 285 -6.73 2.14 -14.20
N ALA A 286 -6.38 3.15 -13.41
CA ALA A 286 -6.60 4.54 -13.77
C ALA A 286 -5.35 5.33 -13.43
N GLY A 287 -4.99 6.25 -14.32
CA GLY A 287 -3.90 7.17 -14.02
C GLY A 287 -2.61 6.43 -13.73
N ILE A 288 -1.92 6.83 -12.66
CA ILE A 288 -0.64 6.22 -12.31
C ILE A 288 -0.83 4.84 -11.70
N GLY A 289 -2.08 4.40 -11.50
CA GLY A 289 -2.35 3.02 -11.15
C GLY A 289 -1.89 2.02 -12.19
N VAL A 290 -1.44 2.50 -13.35
CA VAL A 290 -0.82 1.65 -14.35
C VAL A 290 0.46 0.99 -13.84
N THR A 291 1.10 1.53 -12.79
CA THR A 291 2.46 1.04 -12.52
C THR A 291 2.50 -0.43 -12.11
N PRO A 292 1.66 -0.95 -11.19
CA PRO A 292 1.66 -2.42 -11.00
C PRO A 292 1.23 -3.19 -12.23
N VAL A 293 0.32 -2.64 -13.03
CA VAL A 293 -0.13 -3.33 -14.25
C VAL A 293 1.06 -3.56 -15.19
N LEU A 294 1.87 -2.53 -15.41
CA LEU A 294 3.05 -2.69 -16.24
C LEU A 294 4.04 -3.71 -15.65
N ALA A 295 4.24 -3.68 -14.34
CA ALA A 295 5.08 -4.70 -13.71
C ALA A 295 4.53 -6.10 -13.97
N PHE A 296 3.21 -6.29 -13.83
CA PHE A 296 2.62 -7.61 -14.04
C PHE A 296 2.76 -8.04 -15.50
N VAL A 297 2.50 -7.12 -16.42
CA VAL A 297 2.51 -7.47 -17.83
C VAL A 297 3.92 -7.82 -18.28
N GLU A 298 4.92 -7.06 -17.84
CA GLU A 298 6.29 -7.37 -18.19
C GLU A 298 6.71 -8.75 -17.68
N LYS A 299 6.29 -9.09 -16.45
CA LYS A 299 6.65 -10.40 -15.91
C LYS A 299 5.95 -11.52 -16.65
N LEU A 300 4.65 -11.36 -16.89
CA LEU A 300 3.90 -12.37 -17.66
C LEU A 300 4.52 -12.56 -19.04
N ALA A 301 4.99 -11.48 -19.67
CA ALA A 301 5.63 -11.62 -20.96
C ALA A 301 6.96 -12.38 -20.85
N ALA A 302 7.77 -12.07 -19.83
CA ALA A 302 9.01 -12.80 -19.62
C ALA A 302 8.76 -14.28 -19.34
N GLN A 303 7.66 -14.60 -18.68
CA GLN A 303 7.30 -15.97 -18.38
C GLN A 303 6.67 -16.70 -19.56
N LYS A 304 6.42 -16.01 -20.68
CA LYS A 304 5.72 -16.59 -21.82
C LYS A 304 4.36 -17.16 -21.39
N SER A 305 3.61 -16.35 -20.64
CA SER A 305 2.33 -16.78 -20.07
C SER A 305 1.33 -17.08 -21.17
N GLU A 306 0.59 -18.18 -21.00
CA GLU A 306 -0.50 -18.56 -21.88
C GLU A 306 -1.86 -18.02 -21.44
N ARG A 307 -1.91 -17.31 -20.31
CA ARG A 307 -3.17 -16.83 -19.77
C ARG A 307 -3.80 -15.78 -20.67
N GLU A 308 -5.13 -15.78 -20.71
CA GLU A 308 -5.84 -14.65 -21.29
C GLU A 308 -5.70 -13.47 -20.36
N VAL A 309 -5.22 -12.35 -20.90
CA VAL A 309 -4.98 -11.14 -20.11
C VAL A 309 -5.76 -10.01 -20.77
N MET A 310 -6.64 -9.39 -20.00
CA MET A 310 -7.41 -8.24 -20.46
CA MET A 310 -7.41 -8.23 -20.46
C MET A 310 -6.99 -7.03 -19.64
N ILE A 311 -6.51 -5.99 -20.31
CA ILE A 311 -6.03 -4.80 -19.62
C ILE A 311 -6.93 -3.65 -20.00
N ILE A 312 -7.51 -2.97 -19.01
CA ILE A 312 -8.38 -1.82 -19.22
CA ILE A 312 -8.37 -1.82 -19.23
C ILE A 312 -7.79 -0.66 -18.43
N ALA A 313 -7.28 0.34 -19.13
CA ALA A 313 -6.59 1.46 -18.49
C ALA A 313 -7.32 2.76 -18.80
N SER A 314 -7.48 3.60 -17.78
CA SER A 314 -8.17 4.88 -17.89
C SER A 314 -7.17 6.02 -17.74
N SER A 315 -7.41 7.09 -18.50
CA SER A 315 -6.60 8.30 -18.43
CA SER A 315 -6.60 8.31 -18.43
C SER A 315 -7.48 9.46 -18.88
N ARG A 316 -7.02 10.69 -18.59
CA ARG A 316 -7.77 11.83 -19.09
C ARG A 316 -7.67 11.92 -20.61
N SER A 317 -6.54 11.50 -21.17
CA SER A 317 -6.29 11.55 -22.61
C SER A 317 -5.15 10.57 -22.87
N LEU A 318 -4.94 10.22 -24.15
CA LEU A 318 -3.79 9.35 -24.41
C LEU A 318 -2.47 10.06 -24.12
N ALA A 319 -2.40 11.37 -24.37
CA ALA A 319 -1.18 12.11 -24.08
C ALA A 319 -0.84 12.07 -22.60
N GLU A 320 -1.86 11.97 -21.74
CA GLU A 320 -1.67 11.94 -20.29
C GLU A 320 -1.61 10.54 -19.71
N ALA A 321 -1.67 9.50 -20.56
CA ALA A 321 -1.60 8.12 -20.08
C ALA A 321 -0.14 7.74 -19.80
N PRO A 322 0.28 7.65 -18.54
CA PRO A 322 1.69 7.37 -18.27
C PRO A 322 2.07 5.97 -18.68
N LEU A 323 3.19 5.85 -19.38
CA LEU A 323 3.81 4.56 -19.73
C LEU A 323 2.95 3.75 -20.70
N ARG A 324 2.02 4.40 -21.39
CA ARG A 324 1.16 3.67 -22.32
C ARG A 324 1.97 2.98 -23.42
N GLY A 325 2.93 3.68 -24.01
CA GLY A 325 3.70 3.08 -25.08
C GLY A 325 4.39 1.80 -24.65
N GLU A 326 5.02 1.84 -23.47
CA GLU A 326 5.73 0.67 -22.98
C GLU A 326 4.76 -0.46 -22.62
N LEU A 327 3.62 -0.13 -22.02
CA LEU A 327 2.62 -1.14 -21.72
C LEU A 327 2.16 -1.83 -22.99
N LEU A 328 1.90 -1.05 -24.05
CA LEU A 328 1.47 -1.66 -25.30
C LEU A 328 2.54 -2.56 -25.89
N GLU A 329 3.81 -2.16 -25.80
CA GLU A 329 4.87 -3.01 -26.35
C GLU A 329 4.96 -4.33 -25.59
N ARG A 330 4.90 -4.27 -24.25
CA ARG A 330 4.95 -5.51 -23.47
C ARG A 330 3.75 -6.39 -23.77
N ALA A 331 2.56 -5.80 -23.88
CA ALA A 331 1.37 -6.59 -24.14
C ALA A 331 1.44 -7.29 -25.48
N LYS A 332 2.14 -6.70 -26.46
CA LYS A 332 2.29 -7.35 -27.76
C LYS A 332 3.04 -8.67 -27.65
N GLU A 333 3.87 -8.81 -26.62
CA GLU A 333 4.65 -10.02 -26.43
C GLU A 333 3.85 -11.14 -25.81
N LEU A 334 2.67 -10.85 -25.25
CA LEU A 334 1.85 -11.89 -24.67
C LEU A 334 1.05 -12.61 -25.74
N LYS A 335 0.84 -13.91 -25.53
CA LYS A 335 0.10 -14.73 -26.48
C LYS A 335 -1.34 -14.25 -26.62
N LYS A 336 -2.01 -13.97 -25.49
CA LYS A 336 -3.44 -13.69 -25.48
C LYS A 336 -3.70 -12.46 -24.62
N ALA A 337 -3.22 -11.30 -25.05
CA ALA A 337 -3.48 -10.06 -24.34
C ALA A 337 -4.28 -9.11 -25.20
N LYS A 338 -5.15 -8.35 -24.55
CA LYS A 338 -5.88 -7.26 -25.18
C LYS A 338 -5.79 -6.05 -24.25
N VAL A 339 -5.49 -4.87 -24.81
CA VAL A 339 -5.40 -3.64 -24.05
C VAL A 339 -6.41 -2.64 -24.62
N LEU A 340 -7.18 -2.02 -23.74
CA LEU A 340 -8.13 -0.99 -24.10
C LEU A 340 -7.90 0.22 -23.20
N TYR A 341 -7.75 1.40 -23.81
CA TYR A 341 -7.63 2.64 -23.04
C TYR A 341 -8.93 3.41 -23.10
N GLY A 342 -9.39 3.88 -21.96
CA GLY A 342 -10.52 4.79 -21.88
C GLY A 342 -10.02 6.18 -21.55
N THR A 343 -10.56 7.19 -22.22
CA THR A 343 -10.19 8.57 -21.95
C THR A 343 -11.39 9.31 -21.39
N THR A 344 -11.19 10.01 -20.27
CA THR A 344 -12.27 10.63 -19.50
C THR A 344 -12.39 12.13 -19.71
N GLN A 345 -11.42 12.75 -20.37
CA GLN A 345 -11.54 14.16 -20.75
C GLN A 345 -11.51 14.31 -22.27
N GLU A 346 -10.43 13.90 -22.91
CA GLU A 346 -10.41 13.88 -24.37
C GLU A 346 -11.14 12.64 -24.87
N LYS A 347 -11.39 12.62 -26.18
CA LYS A 347 -12.18 11.56 -26.78
C LYS A 347 -11.32 10.68 -27.68
N ASP A 348 -10.03 10.50 -27.36
CA ASP A 348 -9.14 9.76 -28.25
C ASP A 348 -8.88 8.32 -27.80
N GLY A 349 -9.51 7.86 -26.73
CA GLY A 349 -9.32 6.50 -26.27
C GLY A 349 -9.96 5.46 -27.16
N ASP A 350 -9.61 4.21 -26.91
CA ASP A 350 -10.39 3.10 -27.46
C ASP A 350 -11.86 3.24 -27.11
N PHE A 351 -12.14 3.73 -25.90
CA PHE A 351 -13.48 4.15 -25.53
C PHE A 351 -13.37 5.46 -24.76
N VAL A 352 -14.50 6.13 -24.58
CA VAL A 352 -14.54 7.38 -23.84
C VAL A 352 -15.40 7.20 -22.60
N GLY A 353 -15.09 7.96 -21.56
CA GLY A 353 -15.90 7.93 -20.37
C GLY A 353 -15.57 6.74 -19.48
N ARG A 354 -16.57 6.32 -18.72
CA ARG A 354 -16.36 5.36 -17.64
C ARG A 354 -16.33 3.94 -18.16
N ILE A 355 -15.53 3.11 -17.50
CA ILE A 355 -15.50 1.69 -17.78
C ILE A 355 -16.86 1.08 -17.43
N ASP A 356 -17.47 0.42 -18.40
CA ASP A 356 -18.73 -0.29 -18.20
C ASP A 356 -18.41 -1.79 -18.15
N VAL A 357 -18.38 -2.35 -16.95
CA VAL A 357 -17.94 -3.74 -16.80
C VAL A 357 -18.95 -4.73 -17.32
N SER A 358 -20.23 -4.36 -17.40
CA SER A 358 -21.23 -5.27 -17.96
C SER A 358 -20.90 -5.64 -19.40
N THR A 359 -20.23 -4.74 -20.12
CA THR A 359 -19.82 -5.03 -21.49
C THR A 359 -18.70 -6.06 -21.53
N LEU A 360 -17.92 -6.17 -20.46
CA LEU A 360 -16.80 -7.11 -20.42
C LEU A 360 -17.32 -8.52 -20.18
N ASP A 361 -16.65 -9.50 -20.80
CA ASP A 361 -16.99 -10.91 -20.62
C ASP A 361 -15.97 -11.48 -19.63
N ILE A 362 -16.32 -11.41 -18.35
CA ILE A 362 -15.42 -11.81 -17.28
C ILE A 362 -15.94 -13.12 -16.69
N PRO A 363 -15.23 -14.23 -16.85
CA PRO A 363 -15.69 -15.51 -16.32
C PRO A 363 -15.47 -15.63 -14.81
N ALA A 364 -16.15 -16.61 -14.24
CA ALA A 364 -16.15 -16.79 -12.78
C ALA A 364 -14.79 -17.25 -12.25
N ASN A 365 -13.90 -17.73 -13.11
CA ASN A 365 -12.57 -18.14 -12.69
C ASN A 365 -11.52 -17.06 -12.93
N ALA A 366 -11.91 -15.89 -13.42
CA ALA A 366 -10.96 -14.80 -13.62
C ALA A 366 -10.65 -14.11 -12.30
N SER A 367 -9.40 -13.71 -12.14
CA SER A 367 -9.02 -12.77 -11.09
C SER A 367 -9.02 -11.38 -11.70
N VAL A 368 -9.55 -10.41 -10.95
CA VAL A 368 -9.62 -9.03 -11.40
C VAL A 368 -8.80 -8.18 -10.44
N PHE A 369 -7.87 -7.40 -10.99
CA PHE A 369 -7.00 -6.51 -10.23
C PHE A 369 -7.38 -5.06 -10.52
N LEU A 370 -7.50 -4.25 -9.46
CA LEU A 370 -7.83 -2.83 -9.58
C LEU A 370 -6.72 -1.97 -8.99
N CYS A 371 -6.35 -0.91 -9.70
CA CYS A 371 -5.46 0.08 -9.10
C CYS A 371 -5.79 1.45 -9.66
N GLY A 372 -6.23 2.34 -8.81
CA GLY A 372 -6.57 3.68 -9.20
C GLY A 372 -6.95 4.49 -7.98
N PRO A 373 -7.44 5.71 -8.18
CA PRO A 373 -7.93 6.48 -7.04
C PRO A 373 -9.00 5.71 -6.28
N LEU A 374 -9.11 6.01 -4.98
CA LEU A 374 -10.06 5.30 -4.13
C LEU A 374 -11.46 5.30 -4.75
N LYS A 375 -11.93 6.46 -5.21
CA LYS A 375 -13.27 6.57 -5.78
C LYS A 375 -13.42 5.67 -7.00
N PHE A 376 -12.44 5.74 -7.90
CA PHE A 376 -12.42 4.85 -9.08
C PHE A 376 -12.53 3.38 -8.66
N MET A 377 -11.72 2.96 -7.69
CA MET A 377 -11.73 1.56 -7.29
C MET A 377 -13.03 1.19 -6.60
N GLN A 378 -13.61 2.11 -5.82
CA GLN A 378 -14.88 1.83 -5.17
C GLN A 378 -15.99 1.61 -6.20
N GLU A 379 -16.01 2.43 -7.26
CA GLU A 379 -17.04 2.29 -8.28
C GLU A 379 -16.84 1.03 -9.10
N MET A 380 -15.59 0.72 -9.45
CA MET A 380 -15.32 -0.50 -10.20
C MET A 380 -15.67 -1.72 -9.39
N ARG A 381 -15.26 -1.76 -8.12
CA ARG A 381 -15.57 -2.90 -7.27
C ARG A 381 -17.08 -3.08 -7.15
N SER A 382 -17.80 -1.98 -6.95
CA SER A 382 -19.26 -2.06 -6.85
C SER A 382 -19.88 -2.60 -8.13
N HIS A 383 -19.50 -2.04 -9.27
CA HIS A 383 -20.07 -2.47 -10.55
C HIS A 383 -19.68 -3.91 -10.89
N LEU A 384 -18.48 -4.33 -10.50
CA LEU A 384 -18.09 -5.73 -10.68
C LEU A 384 -18.97 -6.66 -9.85
N VAL A 385 -19.19 -6.32 -8.59
CA VAL A 385 -20.05 -7.13 -7.74
C VAL A 385 -21.48 -7.15 -8.28
N GLU A 386 -21.98 -5.99 -8.74
CA GLU A 386 -23.30 -5.95 -9.34
C GLU A 386 -23.38 -6.83 -10.58
N ALA A 387 -22.29 -6.95 -11.33
CA ALA A 387 -22.24 -7.78 -12.51
C ALA A 387 -21.95 -9.25 -12.19
N GLY A 388 -21.91 -9.63 -10.92
CA GLY A 388 -21.78 -11.01 -10.54
C GLY A 388 -20.37 -11.51 -10.28
N ILE A 389 -19.37 -10.62 -10.33
CA ILE A 389 -18.01 -11.02 -10.01
C ILE A 389 -17.87 -11.20 -8.51
N ALA A 390 -17.26 -12.31 -8.10
CA ALA A 390 -17.10 -12.60 -6.69
C ALA A 390 -16.13 -11.62 -6.03
N LYS A 391 -16.51 -11.12 -4.85
CA LYS A 391 -15.61 -10.26 -4.09
C LYS A 391 -14.27 -10.92 -3.86
N HIS A 392 -14.28 -12.25 -3.65
CA HIS A 392 -13.06 -13.00 -3.42
C HIS A 392 -12.13 -12.99 -4.62
N LYS A 393 -12.64 -12.63 -5.81
CA LYS A 393 -11.86 -12.59 -7.03
C LYS A 393 -11.35 -11.19 -7.38
N ILE A 394 -11.69 -10.19 -6.58
CA ILE A 394 -11.32 -8.80 -6.86
C ILE A 394 -10.19 -8.42 -5.92
N PHE A 395 -9.06 -8.02 -6.49
CA PHE A 395 -7.88 -7.65 -5.73
C PHE A 395 -7.60 -6.17 -5.99
N TYR A 396 -7.12 -5.46 -4.98
CA TYR A 396 -6.91 -4.04 -5.20
C TYR A 396 -5.65 -3.58 -4.50
N GLU A 397 -5.20 -2.41 -4.92
CA GLU A 397 -3.98 -1.78 -4.41
C GLU A 397 -4.29 -0.30 -4.23
N ILE A 398 -4.30 0.16 -2.98
CA ILE A 398 -4.57 1.56 -2.68
C ILE A 398 -3.25 2.32 -2.65
N PHE A 399 -3.18 3.43 -3.38
CA PHE A 399 -1.98 4.28 -3.40
C PHE A 399 -2.11 5.34 -2.30
N GLY A 400 -1.86 4.90 -1.06
CA GLY A 400 -1.89 5.81 0.07
C GLY A 400 -2.44 5.16 1.32
#